data_5B80
#
_entry.id   5B80
#
_cell.length_a   50.282
_cell.length_b   55.252
_cell.length_c   58.763
_cell.angle_alpha   107.04
_cell.angle_beta   102.49
_cell.angle_gamma   91.80
#
_symmetry.space_group_name_H-M   'P 1'
#
loop_
_entity.id
_entity.type
_entity.pdbx_description
1 polymer 'Uncharacterized protein TM_0416'
2 non-polymer 'COPPER (II) ION'
3 non-polymer 2-(2-{2-[2-(2-METHOXY-ETHOXY)-ETHOXY]-ETHOXY}-ETHOXY)-ETHANOL
4 water water
#
_entity_poly.entity_id   1
_entity_poly.type   'polypeptide(L)'
_entity_poly.pdbx_seq_one_letter_code
;MGSSHHHHHHSSGLVPRGSHMKLSLVISTSDAAFDALAFKGDLRKGMELAKRVGYQAVEIAVRDPSIVDWNEVKILSEEL
NLPICAIGTGQAYLADGLSLTHPNDEIRKKAIERVVKHTEVAGMFGALVIIGLVRGRREGRSYEETEELFIESMKRLLEL
TEHAKFVIEPLNRYETDFINTIDDALRILRKINSNRVGILADTFHMNIEEVNIPESLKRAGEKLYHFHVADSNRWAPGCG
HFDFRSVFNTLKEIGYNRYVSVECLPLPGGMEEAAEIAFKTLKELIIKLT
;
_entity_poly.pdbx_strand_id   A,B
#
loop_
_chem_comp.id
_chem_comp.type
_chem_comp.name
_chem_comp.formula
1PG non-polymer 2-(2-{2-[2-(2-METHOXY-ETHOXY)-ETHOXY]-ETHOXY}-ETHOXY)-ETHANOL 'C11 H24 O6'
CU non-polymer 'COPPER (II) ION' 'Cu 2'
#
# COMPACT_ATOMS: atom_id res chain seq x y z
N MET A 21 13.63 21.63 15.41
CA MET A 21 12.61 20.81 16.06
C MET A 21 11.29 21.52 16.20
N LYS A 22 10.20 20.77 16.07
CA LYS A 22 8.87 21.34 16.20
C LYS A 22 8.10 20.61 17.27
N LEU A 23 7.09 21.26 17.87
CA LEU A 23 6.31 20.62 18.92
C LEU A 23 4.90 20.25 18.44
N SER A 24 4.48 19.03 18.78
CA SER A 24 3.15 18.53 18.42
C SER A 24 2.44 18.00 19.66
N LEU A 25 1.11 18.01 19.63
CA LEU A 25 0.32 17.45 20.73
C LEU A 25 -0.53 16.28 20.27
N VAL A 26 -0.42 15.13 20.95
CA VAL A 26 -1.32 14.03 20.66
C VAL A 26 -2.68 14.32 21.29
N ILE A 27 -3.71 14.20 20.47
CA ILE A 27 -5.10 14.45 20.89
C ILE A 27 -5.85 13.12 21.00
N SER A 28 -6.48 12.87 22.14
CA SER A 28 -7.29 11.68 22.30
C SER A 28 -8.67 11.92 21.72
N THR A 29 -9.16 10.98 20.92
CA THR A 29 -10.50 11.10 20.36
C THR A 29 -11.34 9.85 20.56
N SER A 30 -12.63 10.06 20.78
CA SER A 30 -13.58 8.96 20.84
C SER A 30 -13.64 8.23 19.50
N ASP A 31 -13.94 6.94 19.52
CA ASP A 31 -14.09 6.22 18.27
C ASP A 31 -15.38 6.67 17.59
N ALA A 32 -15.30 6.89 16.28
CA ALA A 32 -16.39 7.54 15.55
C ALA A 32 -17.53 6.57 15.22
N ALA A 33 -17.40 5.32 15.66
CA ALA A 33 -18.26 4.26 15.15
C ALA A 33 -19.78 4.48 15.33
N PHE A 34 -20.44 4.57 16.50
CA PHE A 34 -20.13 4.69 17.96
C PHE A 34 -20.73 6.01 18.37
N ASP A 35 -20.01 7.07 18.05
CA ASP A 35 -20.44 8.42 18.36
C ASP A 35 -19.62 9.38 17.50
N ALA A 36 -20.13 9.60 16.30
CA ALA A 36 -19.47 10.45 15.32
C ALA A 36 -19.38 11.89 15.79
N LEU A 37 -20.35 12.32 16.58
CA LEU A 37 -20.35 13.66 17.13
C LEU A 37 -19.20 13.81 18.14
N ALA A 38 -19.03 12.80 18.97
CA ALA A 38 -18.00 12.82 20.01
C ALA A 38 -16.60 12.86 19.38
N PHE A 39 -16.39 12.09 18.32
CA PHE A 39 -15.11 12.16 17.62
C PHE A 39 -14.84 13.57 17.09
N LYS A 40 -15.81 14.15 16.40
CA LYS A 40 -15.66 15.49 15.84
C LYS A 40 -15.43 16.50 16.96
N GLY A 41 -16.22 16.38 18.01
CA GLY A 41 -16.13 17.28 19.15
C GLY A 41 -14.77 17.20 19.82
N ASP A 42 -14.31 15.98 20.06
CA ASP A 42 -13.02 15.73 20.71
C ASP A 42 -11.90 16.29 19.85
N LEU A 43 -12.01 16.08 18.55
CA LEU A 43 -10.96 16.52 17.64
C LEU A 43 -10.86 18.04 17.64
N ARG A 44 -11.99 18.73 17.50
CA ARG A 44 -11.96 20.18 17.45
C ARG A 44 -11.44 20.76 18.76
N LYS A 45 -11.93 20.25 19.88
CA LYS A 45 -11.48 20.71 21.20
C LYS A 45 -9.98 20.54 21.36
N GLY A 46 -9.49 19.37 20.96
CA GLY A 46 -8.07 19.07 21.05
C GLY A 46 -7.23 19.94 20.15
N MET A 47 -7.69 20.16 18.93
CA MET A 47 -6.93 20.96 17.98
C MET A 47 -6.93 22.44 18.40
N GLU A 48 -8.07 22.91 18.89
CA GLU A 48 -8.16 24.29 19.38
C GLU A 48 -7.24 24.50 20.59
N LEU A 49 -7.19 23.50 21.47
CA LEU A 49 -6.27 23.51 22.60
C LEU A 49 -4.82 23.60 22.15
N ALA A 50 -4.45 22.77 21.20
CA ALA A 50 -3.07 22.72 20.73
C ALA A 50 -2.65 24.05 20.16
N LYS A 51 -3.52 24.65 19.37
CA LYS A 51 -3.24 25.93 18.75
C LYS A 51 -3.06 27.04 19.78
N ARG A 52 -3.96 27.09 20.76
CA ARG A 52 -3.92 28.11 21.81
C ARG A 52 -2.65 28.01 22.64
N VAL A 53 -2.22 26.79 22.92
CA VAL A 53 -1.04 26.62 23.76
C VAL A 53 0.24 26.92 22.96
N GLY A 54 0.20 26.72 21.65
CA GLY A 54 1.35 27.04 20.81
C GLY A 54 1.94 25.91 19.99
N TYR A 55 1.32 24.73 20.08
CA TYR A 55 1.82 23.59 19.31
C TYR A 55 1.72 23.88 17.81
N GLN A 56 2.69 23.35 17.06
CA GLN A 56 2.78 23.57 15.61
C GLN A 56 2.06 22.53 14.77
N ALA A 57 1.71 21.41 15.39
CA ALA A 57 0.96 20.34 14.72
C ALA A 57 0.25 19.47 15.75
N VAL A 58 -0.62 18.58 15.29
CA VAL A 58 -1.24 17.60 16.18
C VAL A 58 -1.02 16.20 15.65
N GLU A 59 -1.19 15.25 16.53
CA GLU A 59 -1.07 13.83 16.21
C GLU A 59 -2.36 13.19 16.66
N ILE A 60 -2.90 12.28 15.86
CA ILE A 60 -4.17 11.66 16.22
C ILE A 60 -4.01 10.16 16.25
N ALA A 61 -5.02 9.46 16.74
CA ALA A 61 -5.04 8.00 16.68
C ALA A 61 -6.45 7.53 16.38
N VAL A 62 -6.59 6.68 15.37
CA VAL A 62 -7.91 6.18 15.01
C VAL A 62 -7.86 4.67 14.83
N ARG A 63 -8.96 4.01 15.18
CA ARG A 63 -9.05 2.56 15.09
C ARG A 63 -9.27 2.14 13.64
N ASP A 64 -10.29 2.70 13.03
CA ASP A 64 -10.65 2.39 11.65
C ASP A 64 -11.00 3.69 10.94
N PRO A 65 -10.15 4.09 9.99
CA PRO A 65 -10.40 5.38 9.35
C PRO A 65 -11.62 5.36 8.42
N SER A 66 -12.15 4.19 8.11
CA SER A 66 -13.23 4.10 7.13
C SER A 66 -14.53 4.75 7.62
N ILE A 67 -14.63 5.00 8.91
CA ILE A 67 -15.87 5.52 9.50
C ILE A 67 -15.80 7.02 9.83
N VAL A 68 -14.73 7.67 9.37
CA VAL A 68 -14.51 9.09 9.64
C VAL A 68 -14.58 9.91 8.34
N ASP A 69 -15.22 11.07 8.39
CA ASP A 69 -15.19 12.00 7.27
C ASP A 69 -13.90 12.82 7.31
N TRP A 70 -12.91 12.41 6.53
CA TRP A 70 -11.58 13.05 6.57
C TRP A 70 -11.54 14.35 5.81
N ASN A 71 -12.50 14.54 4.91
CA ASN A 71 -12.63 15.81 4.21
C ASN A 71 -12.94 16.93 5.19
N GLU A 72 -13.73 16.60 6.21
CA GLU A 72 -14.05 17.57 7.25
C GLU A 72 -12.85 17.83 8.15
N VAL A 73 -12.09 16.77 8.44
CA VAL A 73 -10.89 16.91 9.25
C VAL A 73 -9.87 17.81 8.56
N LYS A 74 -9.70 17.63 7.25
CA LYS A 74 -8.79 18.46 6.47
C LYS A 74 -9.21 19.93 6.51
N ILE A 75 -10.50 20.19 6.39
CA ILE A 75 -11.00 21.56 6.51
C ILE A 75 -10.68 22.16 7.88
N LEU A 76 -10.82 21.36 8.94
CA LEU A 76 -10.49 21.85 10.27
C LEU A 76 -9.00 22.15 10.41
N SER A 77 -8.16 21.28 9.84
CA SER A 77 -6.73 21.48 9.87
C SER A 77 -6.34 22.77 9.16
N GLU A 78 -7.05 23.05 8.06
CA GLU A 78 -6.78 24.25 7.28
C GLU A 78 -7.25 25.51 8.01
N GLU A 79 -8.45 25.44 8.60
CA GLU A 79 -8.98 26.55 9.39
C GLU A 79 -8.04 26.97 10.53
N LEU A 80 -7.41 25.99 11.18
CA LEU A 80 -6.62 26.28 12.36
C LEU A 80 -5.12 26.41 12.07
N ASN A 81 -4.74 26.22 10.81
CA ASN A 81 -3.34 26.20 10.42
C ASN A 81 -2.56 25.22 11.29
N LEU A 82 -3.07 24.00 11.35
CA LEU A 82 -2.51 22.99 12.22
C LEU A 82 -2.42 21.66 11.49
N PRO A 83 -1.24 21.33 10.94
CA PRO A 83 -1.01 20.05 10.27
C PRO A 83 -1.18 18.86 11.20
N ILE A 84 -1.49 17.71 10.61
CA ILE A 84 -1.50 16.45 11.35
C ILE A 84 -0.22 15.74 10.98
N CYS A 85 0.68 15.55 11.95
CA CYS A 85 2.02 15.10 11.65
C CYS A 85 2.16 13.58 11.73
N ALA A 86 1.25 12.92 12.45
CA ALA A 86 1.33 11.46 12.60
C ALA A 86 -0.02 10.87 12.95
N ILE A 87 -0.23 9.61 12.54
CA ILE A 87 -1.47 8.89 12.83
C ILE A 87 -1.19 7.57 13.54
N GLY A 88 -1.72 7.39 14.75
CA GLY A 88 -1.56 6.15 15.48
C GLY A 88 -2.58 5.09 15.09
N THR A 89 -2.20 3.82 15.21
CA THR A 89 -2.99 2.68 14.69
C THR A 89 -3.31 1.63 15.76
N GLY A 90 -2.83 1.88 16.98
CA GLY A 90 -2.88 0.90 18.06
C GLY A 90 -4.23 0.30 18.39
N GLN A 91 -5.30 1.07 18.25
CA GLN A 91 -6.64 0.57 18.60
C GLN A 91 -7.11 -0.52 17.62
N ALA A 92 -6.48 -0.59 16.45
CA ALA A 92 -6.79 -1.67 15.52
C ALA A 92 -6.44 -2.99 16.17
N TYR A 93 -5.39 -2.99 16.99
CA TYR A 93 -5.00 -4.17 17.75
C TYR A 93 -5.83 -4.31 19.03
N LEU A 94 -5.89 -3.24 19.82
CA LEU A 94 -6.51 -3.33 21.14
C LEU A 94 -8.00 -3.56 21.08
N ALA A 95 -8.65 -2.97 20.09
CA ALA A 95 -10.10 -3.11 19.97
C ALA A 95 -10.49 -4.20 18.99
N ASP A 96 -9.82 -4.25 17.86
CA ASP A 96 -10.24 -5.17 16.80
C ASP A 96 -9.37 -6.42 16.68
N GLY A 97 -8.33 -6.51 17.48
CA GLY A 97 -7.50 -7.71 17.51
C GLY A 97 -6.67 -7.91 16.26
N LEU A 98 -6.49 -6.86 15.47
CA LEU A 98 -5.71 -6.99 14.26
C LEU A 98 -4.23 -6.88 14.57
N SER A 99 -3.45 -7.80 14.03
CA SER A 99 -2.02 -7.82 14.22
C SER A 99 -1.28 -8.15 12.93
N LEU A 100 -0.19 -7.43 12.66
CA LEU A 100 0.63 -7.68 11.48
C LEU A 100 1.45 -8.97 11.60
N THR A 101 1.48 -9.58 12.78
CA THR A 101 2.18 -10.85 12.98
C THR A 101 1.24 -11.95 13.47
N HIS A 102 -0.07 -11.75 13.32
CA HIS A 102 -1.04 -12.71 13.85
C HIS A 102 -0.76 -14.11 13.30
N PRO A 103 -0.85 -15.14 14.15
CA PRO A 103 -0.60 -16.48 13.62
C PRO A 103 -1.61 -16.90 12.57
N ASN A 104 -2.82 -16.33 12.61
CA ASN A 104 -3.84 -16.58 11.59
C ASN A 104 -3.59 -15.64 10.41
N ASP A 105 -3.18 -16.21 9.28
CA ASP A 105 -2.83 -15.37 8.13
C ASP A 105 -4.00 -14.56 7.60
N GLU A 106 -5.23 -15.00 7.87
CA GLU A 106 -6.41 -14.22 7.51
C GLU A 106 -6.44 -12.89 8.26
N ILE A 107 -6.11 -12.94 9.54
CA ILE A 107 -6.09 -11.73 10.36
C ILE A 107 -4.89 -10.86 10.02
N ARG A 108 -3.78 -11.48 9.65
CA ARG A 108 -2.61 -10.74 9.20
C ARG A 108 -3.00 -9.93 7.95
N LYS A 109 -3.67 -10.58 7.01
CA LYS A 109 -4.17 -9.87 5.83
C LYS A 109 -5.10 -8.72 6.16
N LYS A 110 -6.03 -8.95 7.10
CA LYS A 110 -6.95 -7.89 7.49
C LYS A 110 -6.23 -6.74 8.18
N ALA A 111 -5.16 -7.06 8.92
CA ALA A 111 -4.35 -6.03 9.56
C ALA A 111 -3.62 -5.17 8.52
N ILE A 112 -3.04 -5.81 7.52
CA ILE A 112 -2.40 -5.08 6.44
C ILE A 112 -3.42 -4.18 5.74
N GLU A 113 -4.63 -4.72 5.50
CA GLU A 113 -5.68 -3.96 4.83
C GLU A 113 -6.12 -2.74 5.65
N ARG A 114 -6.23 -2.93 6.97
CA ARG A 114 -6.55 -1.81 7.85
C ARG A 114 -5.48 -0.73 7.79
N VAL A 115 -4.21 -1.13 7.90
CA VAL A 115 -3.14 -0.14 7.91
C VAL A 115 -3.04 0.59 6.57
N VAL A 116 -3.32 -0.11 5.46
CA VAL A 116 -3.41 0.60 4.17
C VAL A 116 -4.44 1.74 4.26
N LYS A 117 -5.57 1.52 4.93
CA LYS A 117 -6.55 2.60 5.09
C LYS A 117 -5.97 3.75 5.89
N HIS A 118 -5.16 3.46 6.91
CA HIS A 118 -4.48 4.53 7.63
C HIS A 118 -3.54 5.30 6.71
N THR A 119 -2.86 4.60 5.79
CA THR A 119 -1.93 5.29 4.88
C THR A 119 -2.69 6.20 3.91
N GLU A 120 -3.92 5.84 3.57
CA GLU A 120 -4.73 6.66 2.66
C GLU A 120 -5.04 8.00 3.32
N VAL A 121 -5.40 7.95 4.59
CA VAL A 121 -5.61 9.16 5.39
C VAL A 121 -4.29 9.93 5.56
N ALA A 122 -3.22 9.23 5.92
CA ALA A 122 -1.91 9.88 6.10
C ALA A 122 -1.49 10.66 4.87
N GLY A 123 -1.86 10.14 3.69
CA GLY A 123 -1.50 10.79 2.45
C GLY A 123 -2.17 12.14 2.29
N MET A 124 -3.34 12.31 2.89
CA MET A 124 -4.07 13.58 2.80
C MET A 124 -3.36 14.68 3.57
N PHE A 125 -2.60 14.28 4.59
CA PHE A 125 -2.02 15.21 5.54
C PHE A 125 -0.51 15.23 5.52
N GLY A 126 0.10 14.38 4.71
CA GLY A 126 1.54 14.23 4.77
C GLY A 126 2.01 13.69 6.11
N ALA A 127 1.20 12.83 6.72
CA ALA A 127 1.46 12.34 8.08
C ALA A 127 2.22 11.02 8.08
N LEU A 128 3.01 10.81 9.14
CA LEU A 128 3.61 9.52 9.39
C LEU A 128 2.57 8.52 9.89
N VAL A 129 2.74 7.24 9.54
CA VAL A 129 1.88 6.19 10.08
C VAL A 129 2.67 5.42 11.17
N ILE A 130 2.11 5.38 12.38
CA ILE A 130 2.79 4.76 13.50
C ILE A 130 2.49 3.27 13.58
N ILE A 131 3.55 2.47 13.60
CA ILE A 131 3.45 1.03 13.81
C ILE A 131 3.81 0.74 15.27
N GLY A 132 2.79 0.72 16.12
CA GLY A 132 2.93 0.42 17.54
C GLY A 132 2.39 -0.97 17.82
N LEU A 133 1.41 -1.08 18.70
CA LEU A 133 0.85 -2.38 19.06
C LEU A 133 0.22 -3.15 17.90
N VAL A 134 -0.09 -2.47 16.80
CA VAL A 134 -0.66 -3.16 15.65
C VAL A 134 0.33 -4.21 15.10
N ARG A 135 1.59 -4.16 15.50
CA ARG A 135 2.52 -5.20 15.03
C ARG A 135 2.25 -6.55 15.70
N GLY A 136 1.61 -6.55 16.86
CA GLY A 136 1.27 -7.79 17.56
C GLY A 136 2.39 -8.31 18.46
N ARG A 137 2.10 -9.38 19.19
CA ARG A 137 3.02 -9.93 20.18
C ARG A 137 3.56 -11.30 19.73
N ARG A 138 4.54 -11.82 20.46
CA ARG A 138 5.09 -13.14 20.14
C ARG A 138 4.08 -14.28 20.27
N GLU A 139 3.15 -14.16 21.22
CA GLU A 139 2.09 -15.17 21.39
C GLU A 139 2.65 -16.59 21.49
N GLY A 140 3.65 -16.77 22.36
CA GLY A 140 4.22 -18.09 22.59
C GLY A 140 5.24 -18.56 21.57
N ARG A 141 5.48 -17.75 20.54
CA ARG A 141 6.41 -18.12 19.47
C ARG A 141 7.81 -17.58 19.73
N SER A 142 8.77 -18.02 18.90
CA SER A 142 10.12 -17.50 18.93
C SER A 142 10.10 -16.03 18.52
N TYR A 143 11.04 -15.25 19.06
CA TYR A 143 11.26 -13.89 18.59
C TYR A 143 11.53 -13.93 17.09
N GLU A 144 12.33 -14.91 16.65
CA GLU A 144 12.71 -15.02 15.25
C GLU A 144 11.54 -15.14 14.28
N GLU A 145 10.57 -15.98 14.62
CA GLU A 145 9.42 -16.13 13.74
C GLU A 145 8.56 -14.87 13.74
N THR A 146 8.38 -14.31 14.92
CA THR A 146 7.58 -13.10 15.02
C THR A 146 8.22 -12.00 14.17
N GLU A 147 9.54 -11.88 14.25
CA GLU A 147 10.25 -10.87 13.48
C GLU A 147 10.13 -11.13 11.98
N GLU A 148 10.24 -12.38 11.56
CA GLU A 148 10.13 -12.70 10.15
C GLU A 148 8.76 -12.32 9.61
N LEU A 149 7.72 -12.66 10.37
CA LEU A 149 6.36 -12.35 9.95
C LEU A 149 6.18 -10.84 9.84
N PHE A 150 6.72 -10.12 10.81
CA PHE A 150 6.61 -8.67 10.82
C PHE A 150 7.28 -8.04 9.61
N ILE A 151 8.49 -8.51 9.30
CA ILE A 151 9.24 -7.93 8.18
C ILE A 151 8.48 -8.19 6.89
N GLU A 152 7.91 -9.39 6.77
CA GLU A 152 7.08 -9.71 5.61
C GLU A 152 5.88 -8.77 5.48
N SER A 153 5.19 -8.50 6.59
CA SER A 153 4.04 -7.59 6.52
C SER A 153 4.47 -6.16 6.16
N MET A 154 5.59 -5.70 6.71
CA MET A 154 6.05 -4.35 6.41
C MET A 154 6.47 -4.26 4.96
N LYS A 155 7.09 -5.31 4.45
CA LYS A 155 7.47 -5.29 3.04
C LYS A 155 6.22 -5.27 2.16
N ARG A 156 5.18 -5.99 2.55
CA ARG A 156 3.90 -5.92 1.82
C ARG A 156 3.33 -4.50 1.85
N LEU A 157 3.31 -3.89 3.02
CA LEU A 157 2.85 -2.50 3.13
C LEU A 157 3.63 -1.53 2.22
N LEU A 158 4.94 -1.75 2.11
CA LEU A 158 5.74 -0.88 1.24
C LEU A 158 5.43 -1.16 -0.24
N GLU A 159 5.12 -2.42 -0.56
CA GLU A 159 4.73 -2.73 -1.91
C GLU A 159 3.35 -2.16 -2.24
N LEU A 160 2.52 -1.99 -1.21
CA LEU A 160 1.13 -1.56 -1.41
C LEU A 160 0.98 -0.04 -1.44
N THR A 161 2.00 0.67 -0.98
CA THR A 161 1.93 2.13 -0.90
C THR A 161 3.06 2.81 -1.68
N GLU A 162 2.76 3.96 -2.30
CA GLU A 162 3.78 4.67 -3.05
C GLU A 162 4.43 5.81 -2.26
N HIS A 163 3.69 6.38 -1.30
CA HIS A 163 4.17 7.57 -0.62
C HIS A 163 4.23 7.45 0.91
N ALA A 164 3.52 6.49 1.47
CA ALA A 164 3.43 6.35 2.93
C ALA A 164 4.78 6.16 3.61
N LYS A 165 4.94 6.80 4.76
CA LYS A 165 6.13 6.63 5.59
C LYS A 165 5.70 6.09 6.94
N PHE A 166 6.42 5.10 7.45
CA PHE A 166 6.05 4.40 8.66
C PHE A 166 7.07 4.62 9.75
N VAL A 167 6.64 4.65 11.01
CA VAL A 167 7.60 4.64 12.09
C VAL A 167 7.29 3.52 13.07
N ILE A 168 8.31 2.73 13.39
CA ILE A 168 8.18 1.64 14.35
C ILE A 168 8.48 2.16 15.74
N GLU A 169 7.55 1.97 16.67
CA GLU A 169 7.75 2.44 18.05
C GLU A 169 8.05 1.30 19.02
N PRO A 170 9.28 1.26 19.55
CA PRO A 170 9.53 0.28 20.60
C PRO A 170 8.68 0.60 21.82
N LEU A 171 8.18 -0.44 22.47
CA LEU A 171 7.26 -0.26 23.61
C LEU A 171 7.74 -1.12 24.76
N ASN A 172 7.40 -0.74 25.99
CA ASN A 172 7.91 -1.49 27.13
C ASN A 172 7.31 -2.90 27.27
N ARG A 173 7.97 -3.70 28.11
CA ARG A 173 7.71 -5.12 28.30
C ARG A 173 6.29 -5.46 28.71
N TYR A 174 5.58 -4.52 29.30
CA TYR A 174 4.23 -4.80 29.77
C TYR A 174 3.21 -4.65 28.66
N GLU A 175 3.57 -3.88 27.62
CA GLU A 175 2.66 -3.66 26.50
C GLU A 175 2.89 -4.69 25.39
N THR A 176 4.14 -5.15 25.26
CA THR A 176 4.48 -6.16 24.25
C THR A 176 5.79 -6.88 24.55
N ASP A 177 5.97 -8.07 23.98
CA ASP A 177 7.26 -8.74 24.03
C ASP A 177 7.95 -8.75 22.68
N PHE A 178 7.53 -7.86 21.78
CA PHE A 178 8.12 -7.79 20.45
C PHE A 178 8.49 -6.34 20.11
N ILE A 179 9.81 -6.10 19.97
CA ILE A 179 10.42 -4.78 19.78
C ILE A 179 10.24 -3.93 21.03
N ASN A 180 11.15 -4.12 21.98
CA ASN A 180 11.13 -3.39 23.24
C ASN A 180 12.15 -2.27 23.29
N THR A 181 13.19 -2.36 22.45
CA THR A 181 14.26 -1.36 22.42
C THR A 181 14.50 -0.74 21.05
N ILE A 182 15.16 0.43 21.05
CA ILE A 182 15.62 1.05 19.82
C ILE A 182 16.50 0.07 19.03
N ASP A 183 17.38 -0.69 19.69
CA ASP A 183 18.21 -1.67 18.97
C ASP A 183 17.37 -2.76 18.27
N ASP A 184 16.32 -3.23 18.94
CA ASP A 184 15.38 -4.17 18.33
C ASP A 184 14.87 -3.61 17.01
N ALA A 185 14.50 -2.33 17.04
CA ALA A 185 13.94 -1.67 15.87
C ALA A 185 14.98 -1.44 14.79
N LEU A 186 16.20 -1.06 15.18
CA LEU A 186 17.24 -0.80 14.19
C LEU A 186 17.60 -2.08 13.43
N ARG A 187 17.62 -3.20 14.13
CA ARG A 187 17.88 -4.49 13.49
C ARG A 187 16.84 -4.79 12.42
N ILE A 188 15.58 -4.54 12.75
CA ILE A 188 14.50 -4.74 11.79
C ILE A 188 14.60 -3.77 10.61
N LEU A 189 14.93 -2.51 10.88
CA LEU A 189 15.07 -1.54 9.80
C LEU A 189 16.11 -1.99 8.81
N ARG A 190 17.21 -2.57 9.29
CA ARG A 190 18.27 -2.98 8.38
C ARG A 190 17.80 -4.13 7.49
N LYS A 191 16.88 -4.95 7.98
CA LYS A 191 16.37 -6.05 7.18
C LYS A 191 15.32 -5.57 6.19
N ILE A 192 14.53 -4.56 6.57
CA ILE A 192 13.53 -4.02 5.65
C ILE A 192 14.20 -3.22 4.54
N ASN A 193 15.25 -2.48 4.91
CA ASN A 193 16.08 -1.73 3.98
C ASN A 193 15.28 -0.73 3.12
N SER A 194 14.45 0.09 3.78
CA SER A 194 13.71 1.15 3.09
C SER A 194 13.73 2.44 3.89
N ASN A 195 14.03 3.56 3.22
CA ASN A 195 14.02 4.82 3.93
C ASN A 195 12.61 5.31 4.24
N ARG A 196 11.60 4.53 3.85
CA ARG A 196 10.22 4.87 4.18
C ARG A 196 9.78 4.24 5.50
N VAL A 197 10.71 3.60 6.20
CA VAL A 197 10.43 3.12 7.55
C VAL A 197 11.52 3.62 8.48
N GLY A 198 11.10 4.25 9.57
CA GLY A 198 12.04 4.75 10.57
C GLY A 198 11.59 4.39 11.97
N ILE A 199 12.15 5.09 12.96
CA ILE A 199 11.89 4.80 14.36
C ILE A 199 11.13 5.95 15.03
N LEU A 200 10.17 5.59 15.87
CA LEU A 200 9.54 6.49 16.82
C LEU A 200 9.99 6.09 18.21
N ALA A 201 10.80 6.92 18.85
CA ALA A 201 11.23 6.67 20.22
C ALA A 201 10.33 7.43 21.19
N ASP A 202 10.06 6.82 22.35
CA ASP A 202 9.13 7.39 23.33
C ASP A 202 9.83 7.41 24.69
N THR A 203 9.92 8.57 25.32
CA THR A 203 10.70 8.67 26.56
C THR A 203 10.13 7.85 27.73
N PHE A 204 8.81 7.70 27.81
CA PHE A 204 8.22 6.90 28.87
C PHE A 204 8.64 5.44 28.73
N HIS A 205 8.55 4.93 27.50
CA HIS A 205 8.98 3.55 27.23
C HIS A 205 10.50 3.37 27.34
N MET A 206 11.28 4.35 26.87
CA MET A 206 12.72 4.26 26.99
C MET A 206 13.19 4.29 28.44
N ASN A 207 12.44 5.00 29.29
CA ASN A 207 12.80 5.10 30.71
C ASN A 207 12.84 3.72 31.37
N ILE A 208 12.04 2.80 30.84
CA ILE A 208 12.05 1.42 31.33
C ILE A 208 13.07 0.57 30.56
N GLU A 209 13.04 0.62 29.23
CA GLU A 209 13.75 -0.39 28.43
C GLU A 209 15.18 -0.06 28.00
N GLU A 210 15.55 1.22 27.95
CA GLU A 210 16.86 1.57 27.42
C GLU A 210 17.87 1.67 28.54
N VAL A 211 19.06 1.13 28.31
CA VAL A 211 20.14 1.26 29.31
C VAL A 211 20.57 2.70 29.42
N ASN A 212 21.08 3.25 28.31
CA ASN A 212 21.59 4.61 28.26
C ASN A 212 20.88 5.34 27.14
N ILE A 213 19.95 6.22 27.48
CA ILE A 213 19.07 6.78 26.46
C ILE A 213 19.81 7.67 25.45
N PRO A 214 20.70 8.58 25.91
CA PRO A 214 21.47 9.32 24.90
C PRO A 214 22.23 8.42 23.92
N GLU A 215 22.87 7.35 24.40
CA GLU A 215 23.55 6.42 23.49
C GLU A 215 22.58 5.75 22.52
N SER A 216 21.43 5.35 23.03
CA SER A 216 20.40 4.73 22.20
C SER A 216 20.00 5.66 21.06
N LEU A 217 19.80 6.94 21.37
CA LEU A 217 19.38 7.89 20.34
C LEU A 217 20.50 8.17 19.33
N LYS A 218 21.75 8.16 19.79
CA LYS A 218 22.86 8.32 18.85
C LYS A 218 22.94 7.14 17.88
N ARG A 219 22.67 5.94 18.38
CA ARG A 219 22.67 4.75 17.53
C ARG A 219 21.56 4.85 16.48
N ALA A 220 20.43 5.43 16.86
CA ALA A 220 19.31 5.60 15.93
C ALA A 220 19.70 6.62 14.85
N GLY A 221 20.24 7.75 15.30
CA GLY A 221 20.71 8.78 14.41
C GLY A 221 19.67 9.20 13.39
N GLU A 222 20.04 9.08 12.11
CA GLU A 222 19.18 9.52 11.01
C GLU A 222 17.86 8.76 10.95
N LYS A 223 17.83 7.57 11.55
CA LYS A 223 16.63 6.72 11.53
C LYS A 223 15.55 7.18 12.50
N LEU A 224 15.87 8.13 13.37
CA LEU A 224 14.84 8.67 14.27
C LEU A 224 13.97 9.63 13.48
N TYR A 225 12.74 9.21 13.18
CA TYR A 225 11.84 10.01 12.34
C TYR A 225 10.80 10.80 13.13
N HIS A 226 10.49 10.34 14.34
CA HIS A 226 9.44 10.93 15.15
C HIS A 226 9.77 10.68 16.62
N PHE A 227 9.23 11.50 17.52
CA PHE A 227 9.63 11.44 18.93
C PHE A 227 8.42 11.71 19.82
N HIS A 228 8.19 10.84 20.81
CA HIS A 228 7.11 10.97 21.78
C HIS A 228 7.70 11.36 23.13
N VAL A 229 7.11 12.36 23.78
CA VAL A 229 7.56 12.70 25.13
C VAL A 229 6.43 12.59 26.14
N ALA A 230 6.81 12.07 27.30
CA ALA A 230 5.97 12.00 28.49
C ALA A 230 6.96 11.74 29.60
N ASP A 231 6.63 12.12 30.82
CA ASP A 231 7.59 11.93 31.89
C ASP A 231 7.60 10.47 32.36
N SER A 232 8.41 10.20 33.39
CA SER A 232 8.59 8.84 33.90
C SER A 232 7.28 8.16 34.32
N ASN A 233 6.35 8.94 34.87
CA ASN A 233 5.01 8.47 35.25
C ASN A 233 3.99 8.62 34.13
N ARG A 234 4.48 8.95 32.94
N ARG A 234 4.46 9.00 32.97
CA ARG A 234 3.66 9.26 31.75
CA ARG A 234 3.62 9.25 31.82
C ARG A 234 2.79 10.50 31.94
C ARG A 234 2.77 10.54 31.93
N TRP A 235 3.14 11.34 32.93
CA TRP A 235 2.45 12.62 33.07
C TRP A 235 3.09 13.63 32.12
N ALA A 236 2.56 14.86 32.10
CA ALA A 236 3.20 15.92 31.34
C ALA A 236 4.70 16.02 31.65
N PRO A 237 5.51 16.13 30.60
CA PRO A 237 6.93 16.39 30.81
C PRO A 237 7.16 17.52 31.79
N GLY A 238 8.01 17.27 32.79
CA GLY A 238 8.18 18.19 33.89
C GLY A 238 7.56 17.71 35.20
N CYS A 239 6.74 16.65 35.14
CA CYS A 239 5.99 16.27 36.33
C CYS A 239 6.37 14.89 36.85
N GLY A 240 7.48 14.36 36.36
CA GLY A 240 8.07 13.15 36.90
C GLY A 240 9.55 13.40 37.20
N HIS A 241 10.40 12.43 36.94
CA HIS A 241 11.85 12.61 37.16
C HIS A 241 12.71 12.22 35.97
N PHE A 242 12.11 12.19 34.78
CA PHE A 242 12.89 11.84 33.60
C PHE A 242 13.84 12.96 33.21
N ASP A 243 15.06 12.59 32.82
CA ASP A 243 16.07 13.58 32.43
C ASP A 243 15.90 13.99 30.97
N PHE A 244 15.04 14.98 30.73
CA PHE A 244 14.85 15.48 29.38
C PHE A 244 16.04 16.28 28.89
N ARG A 245 16.77 16.89 29.81
CA ARG A 245 17.89 17.75 29.42
C ARG A 245 18.92 16.98 28.59
N SER A 246 19.32 15.81 29.08
CA SER A 246 20.29 14.98 28.36
C SER A 246 19.72 14.56 27.01
N VAL A 247 18.46 14.17 26.98
CA VAL A 247 17.82 13.79 25.72
C VAL A 247 17.85 14.93 24.70
N PHE A 248 17.51 16.15 25.12
CA PHE A 248 17.46 17.19 24.12
C PHE A 248 18.84 17.62 23.67
N ASN A 249 19.84 17.52 24.54
CA ASN A 249 21.22 17.76 24.11
C ASN A 249 21.63 16.77 23.04
N THR A 250 21.20 15.53 23.18
CA THR A 250 21.52 14.50 22.20
C THR A 250 20.74 14.72 20.91
N LEU A 251 19.47 15.11 21.01
CA LEU A 251 18.70 15.39 19.80
C LEU A 251 19.36 16.50 18.99
N LYS A 252 19.90 17.49 19.68
CA LYS A 252 20.63 18.55 19.00
C LYS A 252 21.90 18.00 18.33
N GLU A 253 22.63 17.16 19.05
CA GLU A 253 23.85 16.53 18.55
C GLU A 253 23.63 15.71 17.27
N ILE A 254 22.52 14.99 17.18
CA ILE A 254 22.29 14.15 16.01
C ILE A 254 21.51 14.91 14.93
N GLY A 255 21.25 16.18 15.16
CA GLY A 255 20.62 17.03 14.17
C GLY A 255 19.14 16.78 13.98
N TYR A 256 18.47 16.26 15.01
CA TYR A 256 17.05 15.96 14.91
C TYR A 256 16.25 17.23 14.70
N ASN A 257 15.48 17.28 13.62
CA ASN A 257 14.77 18.51 13.27
C ASN A 257 13.33 18.25 12.87
N ARG A 258 12.76 17.16 13.38
CA ARG A 258 11.36 16.85 13.08
C ARG A 258 10.49 17.08 14.32
N TYR A 259 9.43 16.30 14.50
CA TYR A 259 8.48 16.61 15.57
C TYR A 259 8.78 15.96 16.90
N VAL A 260 8.55 16.73 17.95
CA VAL A 260 8.54 16.22 19.30
C VAL A 260 7.10 16.30 19.76
N SER A 261 6.50 15.13 19.97
CA SER A 261 5.06 15.04 20.13
C SER A 261 4.69 14.60 21.53
N VAL A 262 3.86 15.40 22.20
CA VAL A 262 3.46 15.14 23.58
C VAL A 262 2.37 14.07 23.65
N GLU A 263 2.72 12.92 24.22
N GLU A 263 2.67 12.94 24.29
CA GLU A 263 1.78 11.81 24.34
CA GLU A 263 1.77 11.82 24.35
C GLU A 263 1.75 11.40 25.80
C GLU A 263 1.71 11.37 25.80
N CYS A 264 0.90 12.07 26.58
CA CYS A 264 0.92 11.85 28.01
C CYS A 264 -0.49 11.67 28.55
N LEU A 265 -0.56 11.14 29.76
CA LEU A 265 -1.81 11.13 30.50
C LEU A 265 -2.25 12.57 30.73
N PRO A 266 -3.56 12.78 30.88
CA PRO A 266 -4.07 14.14 31.15
C PRO A 266 -3.83 14.54 32.60
N LEU A 267 -2.56 14.49 33.02
CA LEU A 267 -2.17 14.75 34.39
C LEU A 267 -0.88 15.55 34.40
N PRO A 268 -0.74 16.47 35.36
CA PRO A 268 -1.74 16.76 36.39
C PRO A 268 -2.83 17.68 35.89
N GLY A 269 -4.02 17.59 36.49
CA GLY A 269 -5.06 18.59 36.33
C GLY A 269 -5.90 18.58 35.07
N GLY A 270 -5.81 17.51 34.29
CA GLY A 270 -6.63 17.40 33.11
C GLY A 270 -5.88 17.64 31.80
N MET A 271 -6.59 17.43 30.71
CA MET A 271 -6.00 17.48 29.38
C MET A 271 -5.41 18.86 29.03
N GLU A 272 -6.08 19.93 29.44
CA GLU A 272 -5.60 21.27 29.09
C GLU A 272 -4.37 21.66 29.88
N GLU A 273 -4.43 21.42 31.19
CA GLU A 273 -3.31 21.75 32.05
C GLU A 273 -2.08 20.94 31.66
N ALA A 274 -2.26 19.66 31.40
CA ALA A 274 -1.14 18.80 31.00
C ALA A 274 -0.48 19.29 29.72
N ALA A 275 -1.30 19.66 28.73
CA ALA A 275 -0.73 20.13 27.47
C ALA A 275 0.05 21.44 27.65
N GLU A 276 -0.43 22.31 28.53
CA GLU A 276 0.24 23.59 28.77
C GLU A 276 1.56 23.39 29.54
N ILE A 277 1.52 22.56 30.58
CA ILE A 277 2.74 22.24 31.33
C ILE A 277 3.79 21.61 30.41
N ALA A 278 3.35 20.66 29.60
CA ALA A 278 4.25 19.98 28.67
C ALA A 278 4.92 20.95 27.71
N PHE A 279 4.12 21.82 27.11
CA PHE A 279 4.64 22.85 26.21
C PHE A 279 5.70 23.70 26.89
N LYS A 280 5.41 24.19 28.09
CA LYS A 280 6.38 25.05 28.77
C LYS A 280 7.69 24.33 29.07
N THR A 281 7.61 23.08 29.53
CA THR A 281 8.81 22.31 29.80
C THR A 281 9.68 22.12 28.55
N LEU A 282 9.04 21.74 27.44
CA LEU A 282 9.75 21.42 26.21
C LEU A 282 10.32 22.66 25.54
N LYS A 283 9.55 23.75 25.58
CA LYS A 283 10.01 25.00 24.97
C LYS A 283 11.30 25.48 25.63
N GLU A 284 11.36 25.40 26.96
CA GLU A 284 12.56 25.80 27.68
C GLU A 284 13.76 24.92 27.33
N LEU A 285 13.55 23.61 27.20
CA LEU A 285 14.61 22.70 26.79
C LEU A 285 15.11 23.03 25.38
N ILE A 286 14.19 23.32 24.48
CA ILE A 286 14.54 23.55 23.08
C ILE A 286 15.23 24.89 22.86
N ILE A 287 14.70 25.95 23.47
CA ILE A 287 15.18 27.29 23.16
C ILE A 287 16.58 27.51 23.74
N LYS A 288 16.88 26.80 24.82
CA LYS A 288 18.20 26.85 25.41
C LYS A 288 19.02 25.72 24.81
N LEU A 289 19.08 25.71 23.48
CA LEU A 289 19.63 24.60 22.72
C LEU A 289 19.55 24.88 21.22
N MET B 21 10.28 0.68 -9.51
CA MET B 21 9.35 -0.19 -10.26
C MET B 21 10.06 -1.44 -10.75
N LYS B 22 9.28 -2.46 -11.09
CA LYS B 22 9.80 -3.80 -11.37
C LYS B 22 9.38 -4.27 -12.77
N LEU B 23 10.24 -5.07 -13.41
CA LEU B 23 9.93 -5.56 -14.75
C LEU B 23 9.37 -6.97 -14.73
N SER B 24 8.30 -7.19 -15.48
CA SER B 24 7.76 -8.52 -15.64
C SER B 24 7.53 -8.83 -17.10
N LEU B 25 7.45 -10.11 -17.40
CA LEU B 25 7.15 -10.60 -18.75
C LEU B 25 5.83 -11.36 -18.80
N VAL B 26 4.96 -11.01 -19.75
CA VAL B 26 3.80 -11.86 -20.01
C VAL B 26 4.24 -13.04 -20.84
N ILE B 27 3.90 -14.24 -20.38
CA ILE B 27 4.25 -15.43 -21.14
C ILE B 27 2.98 -16.13 -21.61
N SER B 28 3.01 -16.60 -22.85
CA SER B 28 1.84 -17.24 -23.44
C SER B 28 1.87 -18.73 -23.16
N THR B 29 0.72 -19.30 -22.85
CA THR B 29 0.63 -20.70 -22.51
C THR B 29 -0.56 -21.33 -23.23
N SER B 30 -0.39 -22.57 -23.67
CA SER B 30 -1.49 -23.32 -24.25
C SER B 30 -2.60 -23.50 -23.22
N ASP B 31 -3.81 -23.78 -23.68
CA ASP B 31 -4.93 -24.07 -22.80
C ASP B 31 -4.80 -25.49 -22.22
N ALA B 32 -4.77 -25.59 -20.90
CA ALA B 32 -4.48 -26.88 -20.25
C ALA B 32 -5.61 -27.88 -20.35
N ALA B 33 -6.84 -27.41 -20.53
CA ALA B 33 -7.97 -28.32 -20.69
C ALA B 33 -7.84 -29.10 -21.98
N PHE B 34 -7.12 -28.51 -22.94
CA PHE B 34 -6.88 -29.17 -24.23
C PHE B 34 -5.58 -29.97 -24.23
N ASP B 35 -4.55 -29.45 -23.58
CA ASP B 35 -3.26 -30.14 -23.47
C ASP B 35 -2.50 -29.67 -22.23
N ALA B 36 -2.70 -30.36 -21.12
CA ALA B 36 -2.12 -29.97 -19.85
C ALA B 36 -0.60 -30.03 -19.88
N LEU B 37 -0.06 -30.99 -20.64
CA LEU B 37 1.38 -31.12 -20.76
C LEU B 37 1.99 -29.92 -21.49
N ALA B 38 1.27 -29.42 -22.49
CA ALA B 38 1.75 -28.27 -23.25
C ALA B 38 1.70 -27.00 -22.41
N PHE B 39 0.67 -26.86 -21.58
CA PHE B 39 0.60 -25.73 -20.67
C PHE B 39 1.82 -25.71 -19.76
N LYS B 40 2.11 -26.83 -19.11
CA LYS B 40 3.25 -26.90 -18.20
C LYS B 40 4.55 -26.62 -18.94
N GLY B 41 4.66 -27.17 -20.15
CA GLY B 41 5.83 -26.96 -20.98
C GLY B 41 6.01 -25.51 -21.36
N ASP B 42 4.95 -24.87 -21.83
CA ASP B 42 4.98 -23.46 -22.21
C ASP B 42 5.34 -22.61 -21.00
N LEU B 43 4.73 -22.94 -19.86
CA LEU B 43 4.94 -22.16 -18.65
C LEU B 43 6.39 -22.25 -18.21
N ARG B 44 6.94 -23.47 -18.13
CA ARG B 44 8.32 -23.63 -17.73
C ARG B 44 9.26 -22.87 -18.66
N LYS B 45 9.06 -23.01 -19.96
CA LYS B 45 9.94 -22.38 -20.93
C LYS B 45 9.83 -20.85 -20.82
N GLY B 46 8.61 -20.36 -20.63
CA GLY B 46 8.41 -18.93 -20.48
C GLY B 46 9.06 -18.37 -19.23
N MET B 47 8.93 -19.12 -18.13
CA MET B 47 9.49 -18.66 -16.87
C MET B 47 11.00 -18.75 -16.88
N GLU B 48 11.54 -19.79 -17.53
CA GLU B 48 13.00 -19.88 -17.63
C GLU B 48 13.57 -18.76 -18.50
N LEU B 49 12.84 -18.41 -19.57
CA LEU B 49 13.20 -17.27 -20.42
C LEU B 49 13.25 -15.97 -19.62
N ALA B 50 12.17 -15.71 -18.86
CA ALA B 50 12.08 -14.50 -18.08
C ALA B 50 13.26 -14.38 -17.11
N LYS B 51 13.57 -15.46 -16.41
CA LYS B 51 14.63 -15.41 -15.41
C LYS B 51 15.97 -15.14 -16.08
N ARG B 52 16.23 -15.86 -17.16
CA ARG B 52 17.45 -15.73 -17.94
C ARG B 52 17.67 -14.30 -18.44
N VAL B 53 16.62 -13.68 -18.98
CA VAL B 53 16.76 -12.33 -19.50
C VAL B 53 16.92 -11.32 -18.36
N GLY B 54 16.30 -11.59 -17.22
CA GLY B 54 16.45 -10.75 -16.05
C GLY B 54 15.17 -10.13 -15.52
N TYR B 55 14.02 -10.59 -16.02
CA TYR B 55 12.75 -10.14 -15.48
C TYR B 55 12.58 -10.55 -14.01
N GLN B 56 11.88 -9.72 -13.24
CA GLN B 56 11.69 -9.95 -11.81
C GLN B 56 10.43 -10.74 -11.47
N ALA B 57 9.54 -10.87 -12.45
CA ALA B 57 8.30 -11.63 -12.27
C ALA B 57 7.72 -11.98 -13.62
N VAL B 58 6.72 -12.85 -13.63
CA VAL B 58 5.99 -13.14 -14.84
C VAL B 58 4.51 -12.90 -14.63
N GLU B 59 3.83 -12.74 -15.75
CA GLU B 59 2.39 -12.57 -15.78
C GLU B 59 1.86 -13.65 -16.70
N ILE B 60 0.77 -14.31 -16.30
CA ILE B 60 0.24 -15.33 -17.19
C ILE B 60 -1.21 -15.03 -17.53
N ALA B 61 -1.79 -15.86 -18.38
CA ALA B 61 -3.17 -15.71 -18.77
C ALA B 61 -3.77 -17.08 -18.96
N VAL B 62 -4.88 -17.38 -18.28
CA VAL B 62 -5.53 -18.67 -18.46
C VAL B 62 -7.03 -18.49 -18.69
N ARG B 63 -7.59 -19.36 -19.54
CA ARG B 63 -9.02 -19.32 -19.83
C ARG B 63 -9.81 -19.83 -18.64
N ASP B 64 -9.43 -21.01 -18.16
CA ASP B 64 -10.10 -21.66 -17.04
C ASP B 64 -9.04 -22.21 -16.08
N PRO B 65 -8.95 -21.63 -14.87
CA PRO B 65 -7.89 -22.00 -13.94
C PRO B 65 -8.13 -23.34 -13.23
N SER B 66 -9.39 -23.76 -13.15
CA SER B 66 -9.75 -24.92 -12.34
C SER B 66 -9.23 -26.22 -12.95
N ILE B 67 -8.57 -26.11 -14.10
CA ILE B 67 -8.09 -27.26 -14.85
C ILE B 67 -6.58 -27.51 -14.63
N VAL B 68 -5.93 -26.63 -13.89
CA VAL B 68 -4.47 -26.66 -13.75
C VAL B 68 -4.02 -26.97 -12.31
N ASP B 69 -2.93 -27.73 -12.17
CA ASP B 69 -2.30 -27.94 -10.87
C ASP B 69 -1.47 -26.72 -10.50
N TRP B 70 -2.07 -25.81 -9.77
CA TRP B 70 -1.39 -24.59 -9.36
C TRP B 70 -0.36 -24.82 -8.28
N ASN B 71 -0.47 -25.95 -7.57
CA ASN B 71 0.50 -26.27 -6.54
C ASN B 71 1.86 -26.52 -7.16
N GLU B 72 1.86 -27.17 -8.32
CA GLU B 72 3.10 -27.42 -9.05
C GLU B 72 3.69 -26.12 -9.60
N VAL B 73 2.82 -25.23 -10.07
CA VAL B 73 3.25 -23.91 -10.54
C VAL B 73 3.96 -23.13 -9.43
N LYS B 74 3.42 -23.18 -8.22
CA LYS B 74 4.01 -22.47 -7.09
C LYS B 74 5.42 -22.97 -6.81
N ILE B 75 5.59 -24.29 -6.91
CA ILE B 75 6.91 -24.89 -6.72
C ILE B 75 7.90 -24.39 -7.76
N LEU B 76 7.45 -24.33 -9.02
CA LEU B 76 8.26 -23.82 -10.11
C LEU B 76 8.63 -22.35 -9.86
N SER B 77 7.66 -21.55 -9.43
CA SER B 77 7.91 -20.17 -9.11
C SER B 77 8.91 -20.04 -7.96
N GLU B 78 8.76 -20.89 -6.96
CA GLU B 78 9.64 -20.86 -5.81
C GLU B 78 11.05 -21.28 -6.21
N GLU B 79 11.14 -22.33 -7.03
CA GLU B 79 12.43 -22.87 -7.45
C GLU B 79 13.18 -21.93 -8.40
N LEU B 80 12.47 -20.99 -9.01
CA LEU B 80 13.12 -20.05 -9.92
C LEU B 80 13.26 -18.67 -9.28
N ASN B 81 12.70 -18.52 -8.08
CA ASN B 81 12.68 -17.24 -7.39
C ASN B 81 12.05 -16.19 -8.30
N LEU B 82 10.86 -16.51 -8.80
CA LEU B 82 10.21 -15.72 -9.83
C LEU B 82 8.71 -15.63 -9.57
N PRO B 83 8.28 -14.54 -8.92
CA PRO B 83 6.86 -14.36 -8.59
C PRO B 83 5.96 -14.28 -9.82
N ILE B 84 4.67 -14.53 -9.62
CA ILE B 84 3.66 -14.27 -10.64
C ILE B 84 2.90 -13.03 -10.20
N CYS B 85 2.96 -11.95 -10.98
CA CYS B 85 2.43 -10.68 -10.48
C CYS B 85 0.99 -10.42 -10.88
N ALA B 86 0.51 -11.12 -11.90
CA ALA B 86 -0.83 -10.85 -12.45
C ALA B 86 -1.35 -12.04 -13.26
N ILE B 87 -2.66 -12.24 -13.20
CA ILE B 87 -3.33 -13.31 -13.94
C ILE B 87 -4.32 -12.69 -14.92
N GLY B 88 -4.17 -13.00 -16.20
CA GLY B 88 -5.08 -12.53 -17.24
C GLY B 88 -6.27 -13.45 -17.44
N THR B 89 -7.40 -12.86 -17.81
CA THR B 89 -8.67 -13.57 -17.87
C THR B 89 -9.39 -13.49 -19.22
N GLY B 90 -8.79 -12.80 -20.17
CA GLY B 90 -9.47 -12.46 -21.41
C GLY B 90 -9.96 -13.62 -22.25
N GLN B 91 -9.29 -14.76 -22.14
CA GLN B 91 -9.70 -15.93 -22.93
C GLN B 91 -11.04 -16.49 -22.45
N ALA B 92 -11.40 -16.20 -21.20
CA ALA B 92 -12.72 -16.59 -20.70
C ALA B 92 -13.82 -15.97 -21.56
N TYR B 93 -13.53 -14.78 -22.09
CA TYR B 93 -14.45 -14.09 -23.00
C TYR B 93 -14.28 -14.55 -24.44
N LEU B 94 -13.05 -14.48 -24.93
CA LEU B 94 -12.79 -14.77 -26.34
C LEU B 94 -13.15 -16.22 -26.70
N ALA B 95 -12.84 -17.15 -25.81
CA ALA B 95 -13.08 -18.57 -26.07
C ALA B 95 -14.43 -19.06 -25.55
N ASP B 96 -14.80 -18.67 -24.33
CA ASP B 96 -16.01 -19.22 -23.71
C ASP B 96 -17.23 -18.29 -23.71
N GLY B 97 -17.07 -17.05 -24.14
CA GLY B 97 -18.20 -16.15 -24.26
C GLY B 97 -18.68 -15.61 -22.92
N LEU B 98 -17.88 -15.82 -21.87
CA LEU B 98 -18.21 -15.33 -20.54
C LEU B 98 -17.90 -13.84 -20.42
N SER B 99 -18.89 -13.09 -19.96
CA SER B 99 -18.83 -11.64 -19.86
C SER B 99 -19.46 -11.16 -18.56
N LEU B 100 -18.78 -10.24 -17.87
CA LEU B 100 -19.32 -9.67 -16.65
C LEU B 100 -20.49 -8.69 -16.93
N THR B 101 -20.76 -8.41 -18.20
CA THR B 101 -21.92 -7.60 -18.57
C THR B 101 -22.86 -8.35 -19.52
N HIS B 102 -22.73 -9.68 -19.57
CA HIS B 102 -23.58 -10.47 -20.45
C HIS B 102 -25.05 -10.18 -20.13
N PRO B 103 -25.86 -9.96 -21.16
CA PRO B 103 -27.29 -9.69 -20.94
C PRO B 103 -28.01 -10.90 -20.35
N ASN B 104 -27.49 -12.09 -20.59
CA ASN B 104 -28.04 -13.31 -20.01
C ASN B 104 -27.50 -13.50 -18.61
N ASP B 105 -28.38 -13.36 -17.61
CA ASP B 105 -27.94 -13.38 -16.21
C ASP B 105 -27.30 -14.70 -15.79
N GLU B 106 -27.69 -15.79 -16.41
CA GLU B 106 -27.09 -17.09 -16.11
C GLU B 106 -25.65 -17.14 -16.60
N ILE B 107 -25.40 -16.59 -17.78
CA ILE B 107 -24.02 -16.55 -18.30
C ILE B 107 -23.20 -15.55 -17.50
N ARG B 108 -23.80 -14.42 -17.16
CA ARG B 108 -23.11 -13.43 -16.35
C ARG B 108 -22.70 -14.05 -15.01
N LYS B 109 -23.57 -14.88 -14.44
CA LYS B 109 -23.24 -15.54 -13.18
C LYS B 109 -22.07 -16.50 -13.37
N LYS B 110 -22.04 -17.21 -14.49
CA LYS B 110 -20.94 -18.12 -14.77
C LYS B 110 -19.64 -17.35 -14.98
N ALA B 111 -19.74 -16.17 -15.59
CA ALA B 111 -18.56 -15.32 -15.76
C ALA B 111 -18.00 -14.90 -14.40
N ILE B 112 -18.89 -14.49 -13.48
CA ILE B 112 -18.45 -14.10 -12.15
C ILE B 112 -17.79 -15.27 -11.43
N GLU B 113 -18.40 -16.45 -11.54
CA GLU B 113 -17.87 -17.64 -10.89
C GLU B 113 -16.50 -18.04 -11.47
N ARG B 114 -16.31 -17.84 -12.78
CA ARG B 114 -15.01 -18.13 -13.41
C ARG B 114 -13.95 -17.19 -12.84
N VAL B 115 -14.26 -15.90 -12.78
CA VAL B 115 -13.30 -14.93 -12.28
C VAL B 115 -13.00 -15.18 -10.80
N VAL B 116 -13.99 -15.62 -10.02
CA VAL B 116 -13.71 -16.00 -8.63
C VAL B 116 -12.63 -17.08 -8.57
N LYS B 117 -12.68 -18.06 -9.47
CA LYS B 117 -11.64 -19.09 -9.52
C LYS B 117 -10.28 -18.50 -9.90
N HIS B 118 -10.27 -17.54 -10.83
CA HIS B 118 -9.04 -16.81 -11.13
C HIS B 118 -8.47 -16.13 -9.87
N THR B 119 -9.34 -15.63 -8.99
CA THR B 119 -8.85 -14.93 -7.81
C THR B 119 -8.27 -15.90 -6.79
N GLU B 120 -8.80 -17.13 -6.77
CA GLU B 120 -8.22 -18.17 -5.92
C GLU B 120 -6.79 -18.46 -6.33
N VAL B 121 -6.57 -18.60 -7.63
CA VAL B 121 -5.23 -18.78 -8.14
C VAL B 121 -4.35 -17.58 -7.83
N ALA B 122 -4.87 -16.39 -8.08
CA ALA B 122 -4.09 -15.18 -7.84
C ALA B 122 -3.69 -15.07 -6.36
N GLY B 123 -4.61 -15.46 -5.49
CA GLY B 123 -4.37 -15.45 -4.06
C GLY B 123 -3.16 -16.27 -3.62
N MET B 124 -2.92 -17.39 -4.29
CA MET B 124 -1.74 -18.21 -4.00
C MET B 124 -0.44 -17.44 -4.23
N PHE B 125 -0.48 -16.50 -5.16
CA PHE B 125 0.74 -15.85 -5.65
C PHE B 125 0.85 -14.39 -5.25
N GLY B 126 -0.18 -13.89 -4.58
CA GLY B 126 -0.26 -12.48 -4.25
C GLY B 126 -0.42 -11.64 -5.50
N ALA B 127 -1.06 -12.21 -6.51
CA ALA B 127 -1.13 -11.57 -7.82
C ALA B 127 -2.43 -10.78 -8.02
N LEU B 128 -2.37 -9.84 -8.97
CA LEU B 128 -3.54 -9.08 -9.41
C LEU B 128 -4.36 -9.90 -10.39
N VAL B 129 -5.67 -9.63 -10.44
CA VAL B 129 -6.53 -10.23 -11.46
C VAL B 129 -6.90 -9.17 -12.47
N ILE B 130 -6.65 -9.43 -13.75
CA ILE B 130 -6.90 -8.44 -14.78
C ILE B 130 -8.32 -8.54 -15.31
N ILE B 131 -9.04 -7.42 -15.27
CA ILE B 131 -10.37 -7.32 -15.87
C ILE B 131 -10.22 -6.58 -17.19
N GLY B 132 -9.97 -7.36 -18.26
CA GLY B 132 -9.86 -6.81 -19.61
C GLY B 132 -11.11 -7.13 -20.40
N LEU B 133 -10.95 -7.90 -21.48
CA LEU B 133 -12.09 -8.24 -22.33
C LEU B 133 -13.21 -9.01 -21.61
N VAL B 134 -12.91 -9.61 -20.47
CA VAL B 134 -13.93 -10.37 -19.75
C VAL B 134 -15.07 -9.47 -19.26
N ARG B 135 -14.87 -8.16 -19.27
CA ARG B 135 -15.96 -7.26 -18.87
C ARG B 135 -17.08 -7.23 -19.90
N GLY B 136 -16.76 -7.58 -21.14
CA GLY B 136 -17.77 -7.58 -22.20
C GLY B 136 -18.02 -6.23 -22.85
N ARG B 137 -18.85 -6.25 -23.90
CA ARG B 137 -19.13 -5.07 -24.70
C ARG B 137 -20.60 -4.59 -24.54
N ARG B 138 -20.91 -3.44 -25.12
CA ARG B 138 -22.25 -2.87 -25.01
C ARG B 138 -23.33 -3.74 -25.67
N GLU B 139 -22.97 -4.41 -26.77
CA GLU B 139 -23.89 -5.29 -27.49
C GLU B 139 -25.26 -4.64 -27.72
N GLY B 140 -25.24 -3.43 -28.27
CA GLY B 140 -26.47 -2.75 -28.64
C GLY B 140 -27.15 -1.96 -27.53
N ARG B 141 -26.66 -2.08 -26.31
CA ARG B 141 -27.26 -1.39 -25.17
C ARG B 141 -26.61 -0.03 -24.95
N SER B 142 -27.24 0.80 -24.12
CA SER B 142 -26.66 2.08 -23.78
C SER B 142 -25.38 1.86 -22.98
N TYR B 143 -24.52 2.87 -22.96
CA TYR B 143 -23.32 2.82 -22.16
C TYR B 143 -23.69 2.68 -20.69
N GLU B 144 -24.72 3.42 -20.30
CA GLU B 144 -25.16 3.45 -18.91
C GLU B 144 -25.66 2.10 -18.43
N GLU B 145 -26.46 1.39 -19.23
CA GLU B 145 -26.93 0.08 -18.82
C GLU B 145 -25.74 -0.89 -18.66
N THR B 146 -24.82 -0.84 -19.63
CA THR B 146 -23.66 -1.72 -19.62
C THR B 146 -22.81 -1.45 -18.38
N GLU B 147 -22.61 -0.17 -18.11
CA GLU B 147 -21.84 0.26 -16.93
C GLU B 147 -22.46 -0.19 -15.60
N GLU B 148 -23.77 -0.04 -15.42
CA GLU B 148 -24.35 -0.42 -14.13
C GLU B 148 -24.30 -1.93 -13.95
N LEU B 149 -24.42 -2.68 -15.04
CA LEU B 149 -24.29 -4.13 -14.97
C LEU B 149 -22.89 -4.52 -14.55
N PHE B 150 -21.90 -3.84 -15.15
CA PHE B 150 -20.51 -4.05 -14.79
C PHE B 150 -20.28 -3.77 -13.32
N ILE B 151 -20.77 -2.63 -12.85
CA ILE B 151 -20.56 -2.26 -11.45
C ILE B 151 -21.18 -3.30 -10.52
N GLU B 152 -22.36 -3.78 -10.87
CA GLU B 152 -23.01 -4.85 -10.10
C GLU B 152 -22.15 -6.10 -10.02
N SER B 153 -21.60 -6.52 -11.17
CA SER B 153 -20.76 -7.72 -11.20
C SER B 153 -19.48 -7.52 -10.39
N MET B 154 -18.88 -6.33 -10.48
CA MET B 154 -17.67 -6.06 -9.69
C MET B 154 -17.95 -6.05 -8.20
N LYS B 155 -19.10 -5.49 -7.79
CA LYS B 155 -19.44 -5.48 -6.38
C LYS B 155 -19.71 -6.91 -5.91
N ARG B 156 -20.29 -7.72 -6.78
CA ARG B 156 -20.53 -9.13 -6.47
C ARG B 156 -19.20 -9.86 -6.27
N LEU B 157 -18.25 -9.58 -7.17
CA LEU B 157 -16.92 -10.16 -7.04
C LEU B 157 -16.24 -9.78 -5.73
N LEU B 158 -16.40 -8.52 -5.33
CA LEU B 158 -15.81 -8.03 -4.10
C LEU B 158 -16.45 -8.71 -2.88
N GLU B 159 -17.74 -9.03 -2.98
CA GLU B 159 -18.44 -9.78 -1.94
C GLU B 159 -17.99 -11.22 -1.84
N LEU B 160 -17.72 -11.83 -2.99
CA LEU B 160 -17.46 -13.27 -3.05
C LEU B 160 -16.00 -13.62 -2.78
N THR B 161 -15.15 -12.61 -2.84
CA THR B 161 -13.72 -12.79 -2.61
C THR B 161 -13.34 -11.83 -1.50
N GLU B 162 -12.34 -12.16 -0.69
CA GLU B 162 -12.08 -11.30 0.46
C GLU B 162 -10.85 -10.41 0.35
N HIS B 163 -9.84 -10.87 -0.38
CA HIS B 163 -8.59 -10.13 -0.45
C HIS B 163 -8.14 -9.86 -1.87
N ALA B 164 -8.84 -10.45 -2.84
CA ALA B 164 -8.49 -10.33 -4.26
C ALA B 164 -8.40 -8.89 -4.69
N LYS B 165 -7.47 -8.57 -5.59
CA LYS B 165 -7.36 -7.22 -6.14
C LYS B 165 -7.49 -7.29 -7.65
N PHE B 166 -8.32 -6.40 -8.19
CA PHE B 166 -8.64 -6.39 -9.60
C PHE B 166 -8.09 -5.15 -10.29
N VAL B 167 -7.70 -5.28 -11.56
CA VAL B 167 -7.27 -4.11 -12.30
C VAL B 167 -8.05 -4.03 -13.62
N ILE B 168 -8.70 -2.89 -13.83
CA ILE B 168 -9.51 -2.70 -15.03
C ILE B 168 -8.60 -2.13 -16.10
N GLU B 169 -8.56 -2.77 -17.28
CA GLU B 169 -7.72 -2.31 -18.38
C GLU B 169 -8.53 -1.63 -19.48
N PRO B 170 -8.35 -0.30 -19.65
CA PRO B 170 -9.00 0.33 -20.81
C PRO B 170 -8.39 -0.22 -22.10
N LEU B 171 -9.25 -0.47 -23.08
CA LEU B 171 -8.83 -1.12 -24.33
C LEU B 171 -9.29 -0.26 -25.48
N ASN B 172 -8.62 -0.35 -26.62
CA ASN B 172 -8.99 0.53 -27.72
C ASN B 172 -10.33 0.15 -28.36
N ARG B 173 -10.85 1.09 -29.14
CA ARG B 173 -12.18 1.04 -29.75
C ARG B 173 -12.46 -0.20 -30.61
N TYR B 174 -11.42 -0.79 -31.16
CA TYR B 174 -11.60 -1.97 -32.00
C TYR B 174 -11.78 -3.25 -31.17
N GLU B 175 -11.36 -3.21 -29.91
CA GLU B 175 -11.48 -4.37 -29.05
C GLU B 175 -12.74 -4.30 -28.21
N THR B 176 -13.18 -3.10 -27.89
CA THR B 176 -14.39 -2.93 -27.11
C THR B 176 -14.96 -1.53 -27.24
N ASP B 177 -16.25 -1.39 -26.96
CA ASP B 177 -16.88 -0.09 -26.87
C ASP B 177 -17.23 0.25 -25.41
N PHE B 178 -16.66 -0.49 -24.48
CA PHE B 178 -16.92 -0.25 -23.07
C PHE B 178 -15.60 -0.09 -22.30
N ILE B 179 -15.38 1.11 -21.77
CA ILE B 179 -14.15 1.55 -21.07
C ILE B 179 -12.96 1.60 -22.05
N ASN B 180 -12.86 2.71 -22.77
CA ASN B 180 -11.78 2.89 -23.73
C ASN B 180 -10.65 3.76 -23.20
N THR B 181 -10.92 4.55 -22.16
CA THR B 181 -9.90 5.45 -21.63
C THR B 181 -9.66 5.33 -20.12
N ILE B 182 -8.52 5.85 -19.69
CA ILE B 182 -8.19 5.91 -18.27
C ILE B 182 -9.24 6.76 -17.52
N ASP B 183 -9.68 7.85 -18.14
CA ASP B 183 -10.64 8.71 -17.44
C ASP B 183 -11.98 8.00 -17.27
N ASP B 184 -12.38 7.20 -18.25
CA ASP B 184 -13.61 6.45 -18.09
C ASP B 184 -13.47 5.39 -16.99
N ALA B 185 -12.28 4.79 -16.91
CA ALA B 185 -12.05 3.80 -15.88
C ALA B 185 -12.08 4.46 -14.49
N LEU B 186 -11.50 5.66 -14.38
CA LEU B 186 -11.48 6.40 -13.12
C LEU B 186 -12.89 6.73 -12.65
N ARG B 187 -13.74 7.11 -13.60
CA ARG B 187 -15.13 7.44 -13.28
C ARG B 187 -15.83 6.20 -12.72
N ILE B 188 -15.59 5.06 -13.34
CA ILE B 188 -16.21 3.82 -12.87
C ILE B 188 -15.64 3.36 -11.52
N LEU B 189 -14.34 3.57 -11.29
CA LEU B 189 -13.75 3.23 -10.00
C LEU B 189 -14.40 4.00 -8.87
N ARG B 190 -14.68 5.28 -9.09
CA ARG B 190 -15.33 6.07 -8.05
C ARG B 190 -16.69 5.49 -7.68
N LYS B 191 -17.39 4.92 -8.66
CA LYS B 191 -18.71 4.36 -8.38
C LYS B 191 -18.63 3.00 -7.68
N ILE B 192 -17.54 2.25 -7.91
CA ILE B 192 -17.33 0.99 -7.21
C ILE B 192 -16.87 1.24 -5.78
N ASN B 193 -16.02 2.25 -5.60
CA ASN B 193 -15.59 2.73 -4.28
C ASN B 193 -14.88 1.68 -3.43
N SER B 194 -13.90 1.02 -4.03
CA SER B 194 -13.09 0.06 -3.29
C SER B 194 -11.63 0.16 -3.72
N ASN B 195 -10.70 0.19 -2.76
CA ASN B 195 -9.30 0.19 -3.13
C ASN B 195 -8.83 -1.18 -3.61
N ARG B 196 -9.74 -2.15 -3.64
CA ARG B 196 -9.41 -3.46 -4.21
C ARG B 196 -9.60 -3.48 -5.73
N VAL B 197 -9.99 -2.36 -6.30
CA VAL B 197 -10.05 -2.23 -7.75
C VAL B 197 -9.26 -1.02 -8.22
N GLY B 198 -8.37 -1.22 -9.19
CA GLY B 198 -7.61 -0.11 -9.73
C GLY B 198 -7.49 -0.21 -11.24
N ILE B 199 -6.48 0.45 -11.82
CA ILE B 199 -6.37 0.56 -13.26
C ILE B 199 -5.12 -0.11 -13.78
N LEU B 200 -5.26 -0.81 -14.91
CA LEU B 200 -4.12 -1.28 -15.67
C LEU B 200 -4.07 -0.52 -16.99
N ALA B 201 -3.03 0.28 -17.18
CA ALA B 201 -2.88 1.03 -18.45
C ALA B 201 -1.92 0.29 -19.37
N ASP B 202 -2.21 0.31 -20.66
CA ASP B 202 -1.40 -0.38 -21.66
C ASP B 202 -0.95 0.62 -22.72
N THR B 203 0.36 0.71 -22.98
CA THR B 203 0.85 1.75 -23.89
C THR B 203 0.36 1.62 -25.34
N PHE B 204 0.21 0.39 -25.85
CA PHE B 204 -0.31 0.19 -27.20
C PHE B 204 -1.75 0.73 -27.28
N HIS B 205 -2.55 0.45 -26.26
CA HIS B 205 -3.93 0.92 -26.27
C HIS B 205 -4.02 2.42 -26.03
N MET B 206 -3.18 2.93 -25.12
CA MET B 206 -3.12 4.37 -24.85
C MET B 206 -2.68 5.17 -26.06
N ASN B 207 -1.83 4.56 -26.89
CA ASN B 207 -1.32 5.24 -28.07
C ASN B 207 -2.44 5.64 -29.01
N ILE B 208 -3.54 4.86 -28.99
CA ILE B 208 -4.71 5.17 -29.79
C ILE B 208 -5.67 6.05 -28.99
N GLU B 209 -6.00 5.67 -27.76
CA GLU B 209 -7.14 6.29 -27.06
C GLU B 209 -6.85 7.50 -26.16
N GLU B 210 -5.61 7.66 -25.67
CA GLU B 210 -5.35 8.78 -24.75
C GLU B 210 -4.88 10.02 -25.50
N VAL B 211 -5.45 11.18 -25.15
CA VAL B 211 -4.99 12.43 -25.75
C VAL B 211 -3.52 12.71 -25.40
N ASN B 212 -3.23 12.77 -24.12
CA ASN B 212 -1.89 13.08 -23.62
C ASN B 212 -1.56 12.05 -22.55
N ILE B 213 -0.65 11.14 -22.88
CA ILE B 213 -0.45 9.98 -22.01
C ILE B 213 0.15 10.35 -20.65
N PRO B 214 1.16 11.25 -20.63
CA PRO B 214 1.61 11.61 -19.28
C PRO B 214 0.53 12.27 -18.42
N GLU B 215 -0.31 13.11 -19.01
CA GLU B 215 -1.39 13.72 -18.25
C GLU B 215 -2.41 12.68 -17.78
N SER B 216 -2.67 11.69 -18.63
CA SER B 216 -3.58 10.61 -18.25
C SER B 216 -3.03 9.81 -17.08
N LEU B 217 -1.74 9.52 -17.13
CA LEU B 217 -1.11 8.75 -16.06
C LEU B 217 -1.09 9.54 -14.74
N LYS B 218 -0.91 10.85 -14.82
CA LYS B 218 -0.92 11.65 -13.60
C LYS B 218 -2.31 11.69 -12.99
N ARG B 219 -3.34 11.71 -13.83
CA ARG B 219 -4.70 11.69 -13.30
C ARG B 219 -5.00 10.35 -12.62
N ALA B 220 -4.48 9.27 -13.19
CA ALA B 220 -4.65 7.96 -12.57
C ALA B 220 -3.94 7.92 -11.23
N GLY B 221 -2.71 8.42 -11.20
CA GLY B 221 -1.97 8.52 -9.95
C GLY B 221 -1.86 7.21 -9.19
N GLU B 222 -2.20 7.22 -7.91
CA GLU B 222 -2.09 6.01 -7.09
C GLU B 222 -3.06 4.91 -7.53
N LYS B 223 -4.02 5.24 -8.37
CA LYS B 223 -4.99 4.24 -8.82
C LYS B 223 -4.45 3.46 -9.99
N LEU B 224 -3.28 3.85 -10.49
CA LEU B 224 -2.62 3.02 -11.50
C LEU B 224 -1.94 1.87 -10.77
N TYR B 225 -2.54 0.68 -10.85
CA TYR B 225 -2.05 -0.48 -10.10
C TYR B 225 -1.09 -1.38 -10.86
N HIS B 226 -1.16 -1.35 -12.19
CA HIS B 226 -0.38 -2.26 -13.01
C HIS B 226 -0.18 -1.60 -14.36
N PHE B 227 0.83 -2.04 -15.12
CA PHE B 227 1.19 -1.35 -16.35
C PHE B 227 1.64 -2.35 -17.40
N HIS B 228 1.10 -2.24 -18.61
CA HIS B 228 1.50 -3.09 -19.73
C HIS B 228 2.27 -2.28 -20.76
N VAL B 229 3.38 -2.82 -21.27
CA VAL B 229 4.11 -2.13 -22.32
C VAL B 229 4.25 -2.96 -23.59
N ALA B 230 4.05 -2.28 -24.70
CA ALA B 230 4.28 -2.77 -26.05
C ALA B 230 4.40 -1.52 -26.91
N ASP B 231 5.09 -1.59 -28.03
CA ASP B 231 5.31 -0.37 -28.80
C ASP B 231 4.06 -0.04 -29.63
N SER B 232 4.14 1.01 -30.43
CA SER B 232 2.99 1.51 -31.19
C SER B 232 2.39 0.46 -32.13
N ASN B 233 3.25 -0.40 -32.67
CA ASN B 233 2.84 -1.56 -33.50
C ASN B 233 2.63 -2.84 -32.71
N ARG B 234 2.66 -2.70 -31.38
N ARG B 234 2.68 -2.75 -31.38
CA ARG B 234 2.55 -3.78 -30.40
CA ARG B 234 2.56 -3.84 -30.45
C ARG B 234 3.74 -4.76 -30.46
C ARG B 234 3.78 -4.81 -30.45
N TRP B 235 4.83 -4.34 -31.09
CA TRP B 235 6.05 -5.13 -31.06
C TRP B 235 6.78 -4.83 -29.76
N ALA B 236 7.93 -5.45 -29.56
CA ALA B 236 8.76 -5.18 -28.39
C ALA B 236 9.04 -3.69 -28.28
N PRO B 237 8.90 -3.13 -27.06
CA PRO B 237 9.28 -1.74 -26.83
C PRO B 237 10.66 -1.40 -27.42
N GLY B 238 10.71 -0.33 -28.21
CA GLY B 238 11.91 0.03 -28.94
C GLY B 238 11.82 -0.26 -30.43
N CYS B 239 10.78 -0.97 -30.86
CA CYS B 239 10.69 -1.39 -32.25
C CYS B 239 9.57 -0.70 -33.01
N GLY B 240 9.00 0.34 -32.41
CA GLY B 240 7.99 1.17 -33.05
C GLY B 240 8.39 2.63 -32.91
N HIS B 241 7.41 3.50 -32.64
CA HIS B 241 7.70 4.93 -32.42
C HIS B 241 7.05 5.50 -31.16
N PHE B 242 6.68 4.64 -30.21
CA PHE B 242 6.05 5.14 -28.99
C PHE B 242 7.08 5.79 -28.06
N ASP B 243 6.71 6.91 -27.45
CA ASP B 243 7.61 7.67 -26.57
C ASP B 243 7.60 7.08 -25.16
N PHE B 244 8.42 6.07 -24.92
CA PHE B 244 8.50 5.43 -23.60
C PHE B 244 9.22 6.33 -22.60
N ARG B 245 10.14 7.14 -23.10
CA ARG B 245 10.89 8.07 -22.27
C ARG B 245 9.97 8.96 -21.43
N SER B 246 9.00 9.61 -22.07
CA SER B 246 8.09 10.49 -21.35
C SER B 246 7.21 9.69 -20.40
N VAL B 247 6.86 8.47 -20.78
CA VAL B 247 6.04 7.63 -19.90
C VAL B 247 6.79 7.30 -18.62
N PHE B 248 8.05 6.87 -18.76
CA PHE B 248 8.82 6.50 -17.58
C PHE B 248 9.24 7.67 -16.72
N ASN B 249 9.48 8.82 -17.36
CA ASN B 249 9.64 10.06 -16.59
C ASN B 249 8.46 10.31 -15.68
N THR B 250 7.25 10.19 -16.24
CA THR B 250 6.02 10.39 -15.49
C THR B 250 5.85 9.33 -14.39
N LEU B 251 6.12 8.07 -14.71
CA LEU B 251 5.99 7.01 -13.71
C LEU B 251 6.92 7.27 -12.53
N LYS B 252 8.14 7.73 -12.80
CA LYS B 252 9.04 8.09 -11.71
C LYS B 252 8.51 9.27 -10.89
N GLU B 253 7.96 10.27 -11.56
CA GLU B 253 7.47 11.46 -10.88
C GLU B 253 6.28 11.18 -9.96
N ILE B 254 5.46 10.19 -10.31
CA ILE B 254 4.31 9.85 -9.46
C ILE B 254 4.66 8.78 -8.43
N GLY B 255 5.91 8.32 -8.46
CA GLY B 255 6.38 7.37 -7.47
C GLY B 255 5.91 5.94 -7.71
N TYR B 256 5.67 5.61 -8.98
CA TYR B 256 5.25 4.26 -9.33
C TYR B 256 6.29 3.24 -8.87
N ASN B 257 5.88 2.31 -8.01
CA ASN B 257 6.79 1.28 -7.55
C ASN B 257 6.21 -0.11 -7.73
N ARG B 258 5.33 -0.26 -8.73
CA ARG B 258 4.66 -1.52 -8.98
C ARG B 258 5.23 -2.16 -10.25
N TYR B 259 4.48 -3.01 -10.95
CA TYR B 259 5.10 -3.73 -12.08
C TYR B 259 4.85 -3.09 -13.45
N VAL B 260 5.89 -3.18 -14.27
CA VAL B 260 5.81 -2.86 -15.68
C VAL B 260 5.98 -4.18 -16.44
N SER B 261 4.92 -4.63 -17.08
CA SER B 261 4.84 -5.96 -17.64
C SER B 261 4.88 -5.91 -19.16
N VAL B 262 5.82 -6.64 -19.77
CA VAL B 262 5.89 -6.66 -21.24
C VAL B 262 4.82 -7.57 -21.82
N GLU B 263 3.90 -6.98 -22.59
N GLU B 263 3.94 -6.97 -22.60
CA GLU B 263 2.83 -7.71 -23.23
CA GLU B 263 2.83 -7.65 -23.21
C GLU B 263 2.79 -7.32 -24.69
C GLU B 263 2.78 -7.34 -24.72
N CYS B 264 3.56 -8.02 -25.50
CA CYS B 264 3.73 -7.63 -26.89
C CYS B 264 3.70 -8.84 -27.81
N LEU B 265 3.50 -8.56 -29.09
CA LEU B 265 3.63 -9.58 -30.12
C LEU B 265 5.03 -10.14 -30.09
N PRO B 266 5.18 -11.42 -30.46
CA PRO B 266 6.52 -12.03 -30.49
C PRO B 266 7.36 -11.51 -31.66
N LEU B 267 7.51 -10.19 -31.73
CA LEU B 267 8.17 -9.52 -32.85
C LEU B 267 9.01 -8.38 -32.32
N PRO B 268 10.17 -8.15 -32.94
CA PRO B 268 10.64 -8.92 -34.09
C PRO B 268 11.33 -10.24 -33.68
N GLY B 269 11.32 -11.20 -34.59
CA GLY B 269 12.19 -12.37 -34.47
C GLY B 269 11.87 -13.40 -33.41
N GLY B 270 10.62 -13.42 -32.93
CA GLY B 270 10.18 -14.46 -32.01
C GLY B 270 10.02 -14.01 -30.57
N MET B 271 9.47 -14.90 -29.76
CA MET B 271 9.16 -14.63 -28.37
C MET B 271 10.41 -14.29 -27.53
N GLU B 272 11.48 -15.06 -27.73
CA GLU B 272 12.71 -14.84 -26.98
C GLU B 272 13.38 -13.53 -27.39
N GLU B 273 13.50 -13.28 -28.69
CA GLU B 273 14.12 -12.05 -29.13
C GLU B 273 13.31 -10.84 -28.69
N ALA B 274 11.99 -10.95 -28.77
CA ALA B 274 11.14 -9.84 -28.36
C ALA B 274 11.32 -9.55 -26.87
N ALA B 275 11.39 -10.61 -26.07
CA ALA B 275 11.58 -10.43 -24.64
C ALA B 275 12.94 -9.82 -24.32
N GLU B 276 13.97 -10.18 -25.09
CA GLU B 276 15.30 -9.63 -24.88
C GLU B 276 15.36 -8.15 -25.23
N ILE B 277 14.80 -7.80 -26.39
CA ILE B 277 14.78 -6.42 -26.85
C ILE B 277 13.98 -5.53 -25.91
N ALA B 278 12.80 -5.98 -25.50
CA ALA B 278 11.96 -5.21 -24.59
C ALA B 278 12.70 -4.92 -23.27
N PHE B 279 13.35 -5.95 -22.74
CA PHE B 279 14.05 -5.81 -21.47
C PHE B 279 15.19 -4.80 -21.57
N LYS B 280 15.96 -4.90 -22.65
CA LYS B 280 17.07 -3.97 -22.90
C LYS B 280 16.56 -2.54 -22.98
N THR B 281 15.48 -2.34 -23.73
CA THR B 281 14.91 -1.00 -23.86
C THR B 281 14.43 -0.45 -22.53
N LEU B 282 13.69 -1.26 -21.78
CA LEU B 282 13.06 -0.79 -20.55
C LEU B 282 14.06 -0.62 -19.40
N LYS B 283 14.98 -1.57 -19.27
CA LYS B 283 15.97 -1.51 -18.19
C LYS B 283 16.75 -0.19 -18.27
N GLU B 284 17.08 0.19 -19.50
CA GLU B 284 17.78 1.43 -19.78
C GLU B 284 17.01 2.68 -19.34
N LEU B 285 15.70 2.69 -19.57
CA LEU B 285 14.87 3.83 -19.22
C LEU B 285 14.54 3.85 -17.73
N ILE B 286 14.66 2.70 -17.09
CA ILE B 286 14.42 2.60 -15.65
C ILE B 286 15.64 3.05 -14.85
N ILE B 287 16.83 2.60 -15.24
CA ILE B 287 18.05 2.95 -14.53
C ILE B 287 18.37 4.43 -14.67
N LYS B 288 18.00 5.01 -15.82
CA LYS B 288 18.29 6.40 -16.09
C LYS B 288 17.08 7.29 -15.86
CU CU C . 4.26 6.82 22.39
C2 1PG D . 8.59 12.65 7.55
C1 1PG D . 6.60 13.45 6.68
O1 1PG D . 8.00 13.46 6.61
O2 1PG D . 10.66 11.58 7.90
C3 1PG D . 10.04 12.69 7.37
C4 1PG D . 11.92 11.47 7.29
C5 1PG D . 11.83 10.70 6.02
O3 1PG D . 13.04 10.43 5.48
C6 1PG D . 12.89 9.57 4.38
C7 1PG D . 12.84 10.38 3.14
O4 1PG D . 11.63 10.12 2.50
C8 1PG D . 11.45 10.85 1.32
C9 1PG D . 10.00 11.26 1.19
O5 1PG D . 9.89 12.68 1.28
C10 1PG D . 8.56 13.10 1.21
C11 1PG D . 8.32 13.86 2.48
O6 1PG D . 7.03 13.53 2.93
C2 1PG E . 8.62 31.24 19.81
C1 1PG E . 10.76 31.15 20.72
O1 1PG E . 9.78 31.96 20.08
O2 1PG E . 7.04 30.20 21.31
C3 1PG E . 7.85 31.26 21.13
C4 1PG E . 5.75 30.26 20.82
C5 1PG E . 5.54 29.17 19.80
O3 1PG E . 6.50 28.15 19.90
C6 1PG E . 6.25 27.14 18.97
C7 1PG E . 7.10 25.92 19.19
O4 1PG E . 8.42 26.13 18.82
C8 1PG E . 9.23 25.00 18.97
C9 1PG E . 10.67 25.31 18.74
O5 1PG E . 11.09 26.26 19.68
C10 1PG E . 12.29 26.89 19.38
C11 1PG E . 12.87 27.64 20.57
O6 1PG E . 12.20 28.86 20.82
CU CU F . -2.41 -5.07 -22.18
C2 1PG G . -5.00 -4.35 -0.09
C1 1PG G . -4.13 -6.38 -0.66
O1 1PG G . -4.45 -5.11 -1.08
O2 1PG G . -4.38 -2.37 -1.29
C3 1PG G . -5.39 -3.00 -0.63
C4 1PG G . -4.80 -1.19 -1.90
C5 1PG G . -3.74 -0.50 -2.71
O3 1PG G . -3.31 -1.33 -3.70
C6 1PG G . -2.29 -0.88 -4.50
C7 1PG G . -1.76 -1.90 -5.46
O4 1PG G . -1.06 -2.92 -4.88
C8 1PG G . -0.30 -3.66 -5.79
C9 1PG G . 0.18 -4.95 -5.21
O5 1PG G . -0.98 -5.64 -4.92
C10 1PG G . -0.78 -6.91 -4.49
C11 1PG G . -2.12 -7.59 -4.44
O6 1PG G . -2.83 -7.19 -3.28
#